data_4XKO
#
_entry.id   4XKO
#
_cell.length_a   158.190
_cell.length_b   158.190
_cell.length_c   46.110
_cell.angle_alpha   90.00
_cell.angle_beta   90.00
_cell.angle_gamma   120.00
#
_symmetry.space_group_name_H-M   'P 62 2 2'
#
loop_
_entity.id
_entity.type
_entity.pdbx_description
1 polymer 'Heat shock cognate 90 kDa protein'
2 non-polymer DI(HYDROXYETHYL)ETHER
3 non-polymer TRIS(HYDROXYETHYL)AMINOMETHANE
4 water water
#
_entity_poly.entity_id   1
_entity_poly.type   'polypeptide(L)'
_entity_poly.pdbx_seq_one_letter_code
;MRGSHHHHHHGMASMTGGQQMGRDLYDDDDKDRWGSMAESQVERFTFQAEINQLMSLIINTFYSNKEVFLRELISNASDA
LDKIRYQSLTDASVLESKTELEIKIIPDKTAKTLTLIDSGIGMTKTDMVKNLGTIARSGTKNFMEQLQSGAADISMIGQF
GVGFYSAYLVADTVIVHSKNNDDEQYVWESSAGGEFTIALDHTEPLGRGTKIVLHMKEDQLDYLDETKIKNLVKKHSEFI
QYPISLLTIKEKEVDEETT
;
_entity_poly.pdbx_strand_id   A
#
loop_
_chem_comp.id
_chem_comp.type
_chem_comp.name
_chem_comp.formula
PEG non-polymer DI(HYDROXYETHYL)ETHER 'C4 H10 O3'
TAM non-polymer TRIS(HYDROXYETHYL)AMINOMETHANE 'C7 H17 N O3'
#
# COMPACT_ATOMS: atom_id res chain seq x y z
N GLN A 41 -0.35 -0.56 23.38
CA GLN A 41 0.54 -1.71 23.29
C GLN A 41 1.10 -1.93 21.87
N VAL A 42 2.41 -2.17 21.80
CA VAL A 42 3.08 -2.41 20.51
C VAL A 42 3.66 -3.82 20.44
N GLU A 43 3.38 -4.50 19.33
CA GLU A 43 3.78 -5.88 19.17
C GLU A 43 4.78 -5.97 18.02
N ARG A 44 5.91 -6.62 18.28
CA ARG A 44 6.97 -6.67 17.28
C ARG A 44 7.01 -8.02 16.58
N PHE A 45 7.34 -7.98 15.29
CA PHE A 45 7.42 -9.19 14.49
C PHE A 45 8.64 -9.09 13.58
N THR A 46 9.15 -10.25 13.20
CA THR A 46 10.27 -10.32 12.27
C THR A 46 9.73 -10.63 10.89
N PHE A 47 10.28 -10.01 9.86
CA PHE A 47 9.90 -10.39 8.50
C PHE A 47 10.38 -11.81 8.23
N GLN A 48 9.59 -12.54 7.46
CA GLN A 48 10.03 -13.82 6.93
C GLN A 48 11.26 -13.56 6.02
N ALA A 49 12.23 -14.46 6.06
CA ALA A 49 13.53 -14.28 5.38
C ALA A 49 13.44 -13.74 3.95
N GLU A 50 12.59 -14.34 3.13
CA GLU A 50 12.38 -13.92 1.74
C GLU A 50 11.97 -12.45 1.60
N ILE A 51 11.14 -11.99 2.55
CA ILE A 51 10.63 -10.63 2.51
C ILE A 51 11.78 -9.67 2.74
N ASN A 52 12.64 -10.00 3.71
CA ASN A 52 13.87 -9.20 3.94
C ASN A 52 14.73 -9.11 2.68
N GLN A 53 14.91 -10.24 2.01
CA GLN A 53 15.63 -10.25 0.74
C GLN A 53 14.96 -9.37 -0.31
N LEU A 54 13.63 -9.50 -0.42
CA LEU A 54 12.86 -8.69 -1.35
C LEU A 54 13.02 -7.23 -1.02
N MET A 55 12.96 -6.92 0.27
CA MET A 55 13.10 -5.54 0.72
C MET A 55 14.53 -5.02 0.57
N SER A 56 15.51 -5.80 1.01
CA SER A 56 16.92 -5.47 0.75
C SER A 56 17.12 -5.18 -0.73
N LEU A 57 16.69 -6.10 -1.58
CA LEU A 57 16.82 -5.94 -3.03
C LEU A 57 16.19 -4.65 -3.53
N ILE A 58 15.00 -4.34 -3.02
CA ILE A 58 14.27 -3.14 -3.43
C ILE A 58 15.00 -1.89 -2.96
N ILE A 59 15.37 -1.86 -1.68
CA ILE A 59 16.09 -0.71 -1.11
C ILE A 59 17.55 -0.58 -1.59
N ASN A 60 18.39 -1.57 -1.28
CA ASN A 60 19.83 -1.51 -1.59
C ASN A 60 20.20 -1.40 -3.08
N THR A 61 19.73 -2.32 -3.93
CA THR A 61 20.02 -2.19 -5.37
C THR A 61 19.22 -1.07 -6.06
N PHE A 62 19.27 -1.04 -7.39
CA PHE A 62 18.74 0.10 -8.13
C PHE A 62 17.74 -0.31 -9.21
N TYR A 63 16.73 0.54 -9.40
CA TYR A 63 15.77 0.34 -10.48
C TYR A 63 15.38 1.71 -11.06
N SER A 64 14.97 1.71 -12.32
CA SER A 64 14.81 2.96 -13.07
C SER A 64 13.35 3.38 -13.25
N ASN A 65 12.44 2.43 -13.11
CA ASN A 65 11.02 2.71 -13.21
C ASN A 65 10.34 2.59 -11.84
N LYS A 66 10.70 3.48 -10.93
CA LYS A 66 10.15 3.44 -9.57
C LYS A 66 8.64 3.66 -9.56
N GLU A 67 8.14 4.39 -10.55
CA GLU A 67 6.73 4.74 -10.64
C GLU A 67 5.79 3.53 -10.58
N VAL A 68 6.30 2.33 -10.82
CA VAL A 68 5.47 1.14 -10.74
C VAL A 68 4.79 0.98 -9.37
N PHE A 69 5.35 1.62 -8.34
CA PHE A 69 4.82 1.45 -6.98
C PHE A 69 3.35 1.86 -6.97
N LEU A 70 3.06 2.96 -7.65
CA LEU A 70 1.74 3.55 -7.68
C LEU A 70 0.81 2.54 -8.32
N ARG A 71 1.24 1.98 -9.45
CA ARG A 71 0.48 0.95 -10.14
C ARG A 71 0.16 -0.22 -9.20
N GLU A 72 1.17 -0.67 -8.46
CA GLU A 72 0.98 -1.78 -7.55
C GLU A 72 0.02 -1.45 -6.41
N LEU A 73 0.14 -0.26 -5.83
CA LEU A 73 -0.67 0.10 -4.67
C LEU A 73 -2.13 0.35 -5.09
N ILE A 74 -2.32 1.00 -6.24
CA ILE A 74 -3.65 1.14 -6.79
C ILE A 74 -4.29 -0.23 -7.13
N SER A 75 -3.49 -1.17 -7.61
CA SER A 75 -3.98 -2.52 -7.93
C SER A 75 -4.37 -3.28 -6.67
N ASN A 76 -3.62 -3.10 -5.61
CA ASN A 76 -3.99 -3.71 -4.33
C ASN A 76 -5.29 -3.13 -3.77
N ALA A 77 -5.43 -1.83 -3.93
CA ALA A 77 -6.60 -1.11 -3.47
C ALA A 77 -7.84 -1.66 -4.20
N SER A 78 -7.72 -1.83 -5.51
CA SER A 78 -8.78 -2.38 -6.33
C SER A 78 -9.10 -3.82 -5.97
N ASP A 79 -8.08 -4.62 -5.68
CA ASP A 79 -8.31 -5.99 -5.28
C ASP A 79 -9.15 -6.05 -4.02
N ALA A 80 -8.80 -5.22 -3.03
CA ALA A 80 -9.54 -5.19 -1.77
C ALA A 80 -10.99 -4.74 -2.00
N LEU A 81 -11.17 -3.72 -2.82
CA LEU A 81 -12.51 -3.28 -3.20
C LEU A 81 -13.30 -4.43 -3.85
N ASP A 82 -12.67 -5.16 -4.75
CA ASP A 82 -13.27 -6.35 -5.37
C ASP A 82 -13.73 -7.39 -4.33
N LYS A 83 -12.93 -7.54 -3.29
CA LYS A 83 -13.16 -8.55 -2.27
C LYS A 83 -14.41 -8.22 -1.47
N ILE A 84 -14.52 -6.97 -1.02
CA ILE A 84 -15.69 -6.58 -0.24
C ILE A 84 -16.95 -6.56 -1.11
N ARG A 85 -16.77 -6.19 -2.38
CA ARG A 85 -17.87 -6.12 -3.31
C ARG A 85 -18.43 -7.50 -3.59
N TYR A 86 -17.53 -8.48 -3.67
CA TYR A 86 -17.93 -9.85 -3.97
C TYR A 86 -18.69 -10.41 -2.76
N GLN A 87 -18.24 -10.07 -1.56
CA GLN A 87 -18.97 -10.42 -0.36
C GLN A 87 -20.38 -9.82 -0.37
N SER A 88 -20.50 -8.59 -0.85
CA SER A 88 -21.78 -7.87 -0.78
C SER A 88 -22.80 -8.39 -1.79
N LEU A 89 -22.35 -9.22 -2.73
CA LEU A 89 -23.24 -9.85 -3.71
C LEU A 89 -24.08 -10.96 -3.08
N THR A 90 -23.58 -11.53 -1.99
CA THR A 90 -24.31 -12.55 -1.23
C THR A 90 -24.92 -11.91 0.02
N ASP A 91 -24.22 -10.93 0.56
CA ASP A 91 -24.69 -10.23 1.74
C ASP A 91 -24.38 -8.73 1.67
N ALA A 92 -25.39 -7.93 1.33
CA ALA A 92 -25.21 -6.47 1.17
C ALA A 92 -25.02 -5.73 2.50
N SER A 93 -25.18 -6.42 3.62
CA SER A 93 -25.00 -5.80 4.93
C SER A 93 -23.52 -5.63 5.30
N VAL A 94 -22.65 -6.31 4.55
CA VAL A 94 -21.20 -6.16 4.76
C VAL A 94 -20.72 -4.72 4.48
N LEU A 95 -21.43 -4.04 3.58
CA LEU A 95 -21.14 -2.66 3.17
C LEU A 95 -21.49 -1.59 4.21
N GLU A 96 -22.25 -1.99 5.24
CA GLU A 96 -22.76 -1.07 6.28
C GLU A 96 -21.68 -0.21 6.98
N SER A 97 -20.47 -0.74 7.10
CA SER A 97 -19.40 -0.02 7.79
C SER A 97 -18.91 1.18 6.97
N LYS A 98 -19.25 1.19 5.68
CA LYS A 98 -18.80 2.24 4.74
C LYS A 98 -19.31 1.91 3.35
N THR A 99 -20.33 2.63 2.89
CA THR A 99 -21.03 2.23 1.67
C THR A 99 -20.29 2.59 0.38
N GLU A 100 -19.47 3.64 0.40
CA GLU A 100 -18.69 4.01 -0.78
C GLU A 100 -17.54 3.05 -1.04
N LEU A 101 -17.44 2.56 -2.28
CA LEU A 101 -16.29 1.78 -2.72
C LEU A 101 -15.41 2.68 -3.60
N GLU A 102 -14.30 3.14 -3.04
CA GLU A 102 -13.53 4.15 -3.73
C GLU A 102 -12.10 4.23 -3.25
N ILE A 103 -11.28 4.92 -4.02
CA ILE A 103 -9.89 5.12 -3.70
C ILE A 103 -9.65 6.62 -3.57
N LYS A 104 -8.91 7.00 -2.54
CA LYS A 104 -8.51 8.39 -2.34
C LYS A 104 -7.00 8.47 -2.28
N ILE A 105 -6.43 9.45 -2.99
CA ILE A 105 -5.00 9.65 -2.98
C ILE A 105 -4.69 11.06 -2.54
N ILE A 106 -3.91 11.19 -1.48
CA ILE A 106 -3.57 12.50 -0.92
C ILE A 106 -2.05 12.72 -0.86
N PRO A 107 -1.53 13.56 -1.77
CA PRO A 107 -0.13 14.03 -1.63
C PRO A 107 -0.07 15.21 -0.64
N ASP A 108 0.85 15.14 0.32
CA ASP A 108 1.02 16.22 1.29
C ASP A 108 2.47 16.68 1.28
N LYS A 109 2.73 17.80 0.60
CA LYS A 109 4.12 18.30 0.44
C LYS A 109 4.74 18.70 1.79
N THR A 110 3.92 19.25 2.66
CA THR A 110 4.32 19.65 4.00
C THR A 110 4.73 18.43 4.83
N ALA A 111 3.81 17.47 4.94
CA ALA A 111 4.08 16.21 5.64
C ALA A 111 5.10 15.31 4.92
N LYS A 112 5.41 15.62 3.65
CA LYS A 112 6.22 14.74 2.80
C LYS A 112 5.65 13.31 2.74
N THR A 113 4.32 13.21 2.62
CA THR A 113 3.68 11.90 2.53
C THR A 113 2.80 11.79 1.30
N LEU A 114 2.74 10.58 0.76
CA LEU A 114 1.71 10.26 -0.22
C LEU A 114 0.85 9.20 0.45
N THR A 115 -0.45 9.49 0.52
CA THR A 115 -1.36 8.59 1.20
C THR A 115 -2.36 8.03 0.20
N LEU A 116 -2.61 6.73 0.30
CA LEU A 116 -3.62 6.07 -0.51
C LEU A 116 -4.58 5.34 0.39
N ILE A 117 -5.86 5.69 0.25
CA ILE A 117 -6.91 5.10 1.07
C ILE A 117 -7.94 4.44 0.17
N ASP A 118 -8.32 3.22 0.53
CA ASP A 118 -9.38 2.55 -0.20
C ASP A 118 -10.40 2.06 0.80
N SER A 119 -11.64 1.88 0.37
CA SER A 119 -12.64 1.36 1.28
C SER A 119 -12.88 -0.12 0.97
N GLY A 120 -11.78 -0.86 0.82
CA GLY A 120 -11.89 -2.28 0.55
C GLY A 120 -12.19 -3.07 1.81
N ILE A 121 -12.13 -4.39 1.69
CA ILE A 121 -12.38 -5.33 2.79
C ILE A 121 -11.51 -5.11 4.06
N GLY A 122 -10.44 -4.34 3.95
CA GLY A 122 -9.55 -4.11 5.08
C GLY A 122 -8.86 -5.38 5.58
N MET A 123 -7.87 -5.23 6.46
CA MET A 123 -7.17 -6.40 7.00
C MET A 123 -7.39 -6.53 8.50
N THR A 124 -7.65 -7.75 8.97
CA THR A 124 -7.61 -8.03 10.41
C THR A 124 -6.16 -8.00 10.89
N LYS A 125 -5.96 -8.13 12.20
CA LYS A 125 -4.61 -8.11 12.75
C LYS A 125 -3.80 -9.28 12.20
N THR A 126 -4.41 -10.46 12.20
CA THR A 126 -3.77 -11.64 11.64
C THR A 126 -3.46 -11.45 10.14
N ASP A 127 -4.41 -10.88 9.39
CA ASP A 127 -4.24 -10.59 7.96
C ASP A 127 -3.00 -9.75 7.71
N MET A 128 -2.75 -8.82 8.62
CA MET A 128 -1.63 -7.90 8.44
C MET A 128 -0.30 -8.63 8.58
N VAL A 129 -0.16 -9.41 9.65
CA VAL A 129 1.04 -10.21 9.85
C VAL A 129 1.27 -11.14 8.65
N LYS A 130 0.20 -11.80 8.20
CA LYS A 130 0.27 -12.66 7.02
C LYS A 130 0.64 -11.90 5.73
N ASN A 131 -0.14 -10.87 5.40
CA ASN A 131 0.00 -10.19 4.11
C ASN A 131 1.16 -9.22 4.03
N LEU A 132 1.65 -8.75 5.17
CA LEU A 132 2.72 -7.75 5.18
C LEU A 132 4.00 -8.29 5.81
N GLY A 133 3.96 -9.52 6.31
CA GLY A 133 5.13 -10.09 6.95
C GLY A 133 5.56 -11.44 6.44
N THR A 134 4.75 -12.04 5.56
CA THR A 134 5.08 -13.37 5.03
C THR A 134 4.91 -13.52 3.52
N ILE A 135 5.46 -14.63 3.03
CA ILE A 135 5.22 -15.15 1.69
C ILE A 135 4.45 -16.44 1.85
N ALA A 136 3.34 -16.58 1.14
CA ALA A 136 2.56 -17.82 1.22
C ALA A 136 2.96 -18.79 0.11
N ARG A 137 2.57 -18.46 -1.12
CA ARG A 137 2.82 -19.30 -2.29
C ARG A 137 4.30 -19.67 -2.47
N SER A 138 4.57 -20.97 -2.66
CA SER A 138 5.92 -21.46 -2.91
C SER A 138 6.43 -20.92 -4.26
N GLY A 139 5.49 -20.72 -5.19
CA GLY A 139 5.79 -20.08 -6.46
C GLY A 139 6.42 -18.70 -6.33
N THR A 140 5.93 -17.93 -5.37
CA THR A 140 6.47 -16.61 -5.04
C THR A 140 7.91 -16.69 -4.51
N LYS A 141 8.20 -17.73 -3.72
CA LYS A 141 9.55 -17.97 -3.20
C LYS A 141 10.58 -18.25 -4.31
N ASN A 142 10.15 -18.99 -5.34
CA ASN A 142 11.00 -19.25 -6.52
C ASN A 142 11.26 -17.99 -7.33
N PHE A 143 10.18 -17.25 -7.60
CA PHE A 143 10.23 -15.95 -8.26
C PHE A 143 11.26 -15.00 -7.64
N MET A 144 11.48 -15.14 -6.34
CA MET A 144 12.45 -14.32 -5.62
C MET A 144 13.89 -14.65 -6.03
N GLU A 145 14.11 -15.86 -6.56
CA GLU A 145 15.41 -16.26 -7.04
C GLU A 145 15.64 -15.75 -8.46
N GLN A 146 14.57 -15.74 -9.26
CA GLN A 146 14.62 -15.21 -10.62
C GLN A 146 14.77 -13.69 -10.59
N LEU A 147 14.29 -13.08 -9.51
CA LEU A 147 14.34 -11.63 -9.35
C LEU A 147 15.73 -11.22 -8.88
N GLN A 148 16.23 -11.96 -7.88
CA GLN A 148 17.53 -11.68 -7.31
C GLN A 148 18.70 -11.91 -8.28
N SER A 149 18.55 -12.91 -9.15
CA SER A 149 19.51 -13.15 -10.23
C SER A 149 19.49 -12.06 -11.32
N GLY A 150 18.42 -11.25 -11.36
CA GLY A 150 18.31 -10.21 -12.37
C GLY A 150 17.61 -10.65 -13.66
N ALA A 151 17.17 -11.91 -13.72
CA ALA A 151 16.43 -12.40 -14.88
C ALA A 151 15.04 -11.78 -14.92
N ALA A 152 14.35 -11.79 -13.78
CA ALA A 152 13.09 -11.08 -13.61
C ALA A 152 13.32 -9.61 -13.19
N ASP A 153 12.27 -8.80 -13.34
CA ASP A 153 12.32 -7.37 -13.07
C ASP A 153 11.42 -6.99 -11.90
N ILE A 154 11.70 -5.83 -11.30
CA ILE A 154 10.87 -5.30 -10.22
C ILE A 154 9.40 -5.12 -10.64
N SER A 155 9.16 -4.64 -11.85
CA SER A 155 7.80 -4.36 -12.32
C SER A 155 6.86 -5.59 -12.33
N MET A 156 7.39 -6.79 -12.15
CA MET A 156 6.53 -7.99 -12.21
C MET A 156 6.21 -8.53 -10.80
N ILE A 157 6.73 -7.83 -9.80
CA ILE A 157 6.53 -8.14 -8.38
C ILE A 157 5.05 -8.31 -7.98
N GLY A 158 4.14 -7.71 -8.76
CA GLY A 158 2.72 -7.74 -8.44
C GLY A 158 2.05 -9.06 -8.76
N GLN A 159 2.66 -9.82 -9.68
CA GLN A 159 2.09 -11.08 -10.11
C GLN A 159 2.25 -12.16 -9.03
N PHE A 160 2.96 -11.82 -7.95
CA PHE A 160 3.20 -12.75 -6.86
C PHE A 160 2.75 -12.20 -5.50
N GLY A 161 1.80 -11.28 -5.54
CA GLY A 161 1.19 -10.74 -4.33
C GLY A 161 2.14 -9.97 -3.43
N VAL A 162 3.26 -9.49 -3.97
CA VAL A 162 4.19 -8.71 -3.15
C VAL A 162 4.46 -7.31 -3.69
N GLY A 163 3.54 -6.82 -4.52
CA GLY A 163 3.68 -5.52 -5.14
C GLY A 163 3.67 -4.38 -4.13
N PHE A 164 3.16 -4.69 -2.95
CA PHE A 164 3.16 -3.73 -1.86
C PHE A 164 4.56 -3.20 -1.58
N TYR A 165 5.55 -4.10 -1.51
CA TYR A 165 6.88 -3.68 -1.06
C TYR A 165 7.58 -2.74 -2.04
N SER A 166 7.03 -2.60 -3.24
CA SER A 166 7.55 -1.66 -4.21
C SER A 166 7.40 -0.21 -3.73
N ALA A 167 6.70 -0.04 -2.61
CA ALA A 167 6.53 1.28 -2.01
C ALA A 167 7.89 1.81 -1.52
N TYR A 168 8.75 0.89 -1.08
CA TYR A 168 10.09 1.25 -0.61
C TYR A 168 11.04 1.68 -1.72
N LEU A 169 10.54 1.81 -2.94
CA LEU A 169 11.33 2.39 -4.02
C LEU A 169 11.35 3.90 -3.87
N VAL A 170 10.38 4.44 -3.13
CA VAL A 170 10.23 5.90 -3.04
C VAL A 170 10.02 6.40 -1.60
N ALA A 171 9.83 5.47 -0.67
CA ALA A 171 9.55 5.82 0.73
C ALA A 171 10.52 5.12 1.67
N ASP A 172 11.05 5.87 2.64
CA ASP A 172 11.95 5.28 3.64
C ASP A 172 11.13 4.54 4.69
N THR A 173 9.91 5.03 4.90
CA THR A 173 9.01 4.48 5.91
C THR A 173 7.59 4.36 5.34
N VAL A 174 6.95 3.23 5.63
CA VAL A 174 5.59 3.00 5.18
C VAL A 174 4.72 2.63 6.37
N ILE A 175 3.61 3.34 6.54
CA ILE A 175 2.61 3.02 7.56
C ILE A 175 1.32 2.48 6.91
N VAL A 176 0.80 1.36 7.42
CA VAL A 176 -0.47 0.87 6.92
C VAL A 176 -1.53 0.84 8.04
N HIS A 177 -2.58 1.65 7.89
CA HIS A 177 -3.73 1.55 8.78
C HIS A 177 -4.76 0.68 8.09
N SER A 178 -5.33 -0.29 8.78
CA SER A 178 -6.36 -1.11 8.14
C SER A 178 -7.51 -1.51 9.07
N LYS A 179 -8.71 -1.56 8.52
CA LYS A 179 -9.89 -1.92 9.31
C LYS A 179 -10.79 -2.90 8.56
N ASN A 180 -10.97 -4.08 9.16
CA ASN A 180 -11.78 -5.15 8.60
C ASN A 180 -13.01 -5.33 9.48
N ASN A 181 -14.13 -5.75 8.90
CA ASN A 181 -15.37 -5.85 9.67
C ASN A 181 -15.31 -6.78 10.88
N ASP A 182 -14.47 -7.81 10.78
CA ASP A 182 -14.40 -8.82 11.83
C ASP A 182 -13.30 -8.52 12.85
N ASP A 183 -12.82 -7.27 12.88
CA ASP A 183 -11.79 -6.89 13.84
C ASP A 183 -11.65 -5.38 14.01
N GLU A 184 -10.72 -4.98 14.87
CA GLU A 184 -10.47 -3.59 15.18
C GLU A 184 -9.52 -2.94 14.17
N GLN A 185 -9.45 -1.60 14.19
CA GLN A 185 -8.51 -0.88 13.36
C GLN A 185 -7.10 -1.01 13.91
N TYR A 186 -6.22 -1.64 13.13
CA TYR A 186 -4.82 -1.73 13.52
C TYR A 186 -3.94 -0.88 12.61
N VAL A 187 -2.76 -0.55 13.13
CA VAL A 187 -1.77 0.22 12.36
C VAL A 187 -0.45 -0.58 12.30
N TRP A 188 0.14 -0.62 11.10
CA TRP A 188 1.33 -1.42 10.84
C TRP A 188 2.42 -0.48 10.39
N GLU A 189 3.60 -0.62 10.97
CA GLU A 189 4.72 0.23 10.61
C GLU A 189 5.98 -0.60 10.39
N SER A 190 6.75 -0.22 9.37
CA SER A 190 8.09 -0.73 9.21
C SER A 190 8.92 0.24 8.39
N SER A 191 10.23 0.14 8.59
CA SER A 191 11.19 0.94 7.85
C SER A 191 12.32 -0.03 7.44
N ALA A 192 11.91 -1.28 7.18
CA ALA A 192 12.79 -2.43 7.00
C ALA A 192 13.56 -2.77 8.30
N GLY A 193 14.75 -3.34 8.14
CA GLY A 193 15.56 -3.72 9.29
C GLY A 193 15.23 -5.10 9.83
N GLY A 194 14.43 -5.86 9.08
CA GLY A 194 14.09 -7.22 9.46
C GLY A 194 12.89 -7.29 10.40
N GLU A 195 12.27 -6.15 10.67
CA GLU A 195 11.15 -6.15 11.60
C GLU A 195 10.07 -5.10 11.31
N PHE A 196 8.87 -5.39 11.78
CA PHE A 196 7.78 -4.44 11.72
C PHE A 196 7.04 -4.45 13.04
N THR A 197 6.16 -3.46 13.21
CA THR A 197 5.34 -3.37 14.41
C THR A 197 3.86 -3.31 14.05
N ILE A 198 3.01 -3.77 14.97
CA ILE A 198 1.57 -3.59 14.84
C ILE A 198 0.99 -3.09 16.18
N ALA A 199 0.09 -2.11 16.12
CA ALA A 199 -0.59 -1.62 17.31
C ALA A 199 -2.07 -1.39 17.01
N LEU A 200 -2.89 -1.32 18.06
CA LEU A 200 -4.26 -0.85 17.91
C LEU A 200 -4.21 0.58 17.41
N ASP A 201 -5.01 0.89 16.40
CA ASP A 201 -4.99 2.23 15.82
C ASP A 201 -5.97 3.12 16.62
N HIS A 202 -5.49 4.29 17.03
CA HIS A 202 -6.37 5.25 17.70
C HIS A 202 -6.57 6.53 16.88
N THR A 203 -5.92 6.60 15.72
CA THR A 203 -6.09 7.72 14.77
C THR A 203 -7.45 7.61 14.08
N GLU A 204 -7.68 8.48 13.09
CA GLU A 204 -8.99 8.60 12.45
C GLU A 204 -9.52 7.28 11.87
N PRO A 205 -10.66 6.81 12.41
CA PRO A 205 -11.30 5.57 11.97
C PRO A 205 -11.62 5.56 10.48
N LEU A 206 -11.46 4.41 9.84
CA LEU A 206 -11.65 4.25 8.41
C LEU A 206 -13.06 3.75 8.10
N GLY A 207 -13.71 3.14 9.09
CA GLY A 207 -14.98 2.51 8.87
C GLY A 207 -14.73 1.10 8.36
N ARG A 208 -14.05 1.03 7.22
CA ARG A 208 -13.62 -0.24 6.63
C ARG A 208 -12.62 0.12 5.56
N GLY A 209 -11.51 -0.61 5.50
CA GLY A 209 -10.56 -0.35 4.45
C GLY A 209 -9.12 -0.20 4.90
N THR A 210 -8.32 0.38 4.02
CA THR A 210 -6.89 0.43 4.22
C THR A 210 -6.34 1.79 3.85
N LYS A 211 -5.51 2.34 4.73
CA LYS A 211 -4.80 3.57 4.45
C LYS A 211 -3.30 3.34 4.50
N ILE A 212 -2.65 3.56 3.37
CA ILE A 212 -1.20 3.42 3.27
C ILE A 212 -0.58 4.80 3.22
N VAL A 213 0.40 5.04 4.11
CA VAL A 213 1.12 6.31 4.16
C VAL A 213 2.59 6.08 3.82
N LEU A 214 3.05 6.71 2.74
CA LEU A 214 4.44 6.64 2.36
C LEU A 214 5.14 7.91 2.79
N HIS A 215 6.12 7.77 3.69
CA HIS A 215 6.99 8.91 3.97
C HIS A 215 8.05 8.95 2.89
N MET A 216 7.87 9.88 1.95
CA MET A 216 8.66 9.92 0.74
C MET A 216 10.14 10.13 1.05
N LYS A 217 11.01 9.69 0.13
CA LYS A 217 12.43 10.00 0.18
C LYS A 217 12.59 11.41 -0.37
N GLU A 218 13.67 12.09 0.01
CA GLU A 218 13.89 13.48 -0.38
C GLU A 218 14.06 13.61 -1.92
N ASP A 219 14.70 12.61 -2.51
CA ASP A 219 14.95 12.61 -3.95
C ASP A 219 13.70 12.27 -4.77
N GLN A 220 12.64 11.81 -4.09
CA GLN A 220 11.42 11.38 -4.78
C GLN A 220 10.23 12.24 -4.42
N LEU A 221 10.46 13.51 -4.10
CA LEU A 221 9.37 14.35 -3.59
C LEU A 221 8.45 14.88 -4.68
N ASP A 222 8.88 14.79 -5.93
CA ASP A 222 8.07 15.30 -7.05
C ASP A 222 6.82 14.45 -7.35
N TYR A 223 6.73 13.29 -6.70
CA TYR A 223 5.53 12.47 -6.77
C TYR A 223 4.38 13.16 -6.04
N LEU A 224 4.69 14.21 -5.27
CA LEU A 224 3.70 14.97 -4.53
C LEU A 224 3.27 16.21 -5.32
N ASP A 225 3.85 16.39 -6.49
CA ASP A 225 3.47 17.51 -7.37
C ASP A 225 2.22 17.18 -8.15
N GLU A 226 1.31 18.15 -8.20
CA GLU A 226 -0.01 17.98 -8.76
C GLU A 226 -0.04 17.37 -10.17
N THR A 227 0.71 17.95 -11.10
CA THR A 227 0.62 17.49 -12.49
C THR A 227 1.23 16.09 -12.66
N LYS A 228 2.42 15.91 -12.10
CA LYS A 228 3.10 14.61 -12.05
C LYS A 228 2.19 13.48 -11.54
N ILE A 229 1.65 13.63 -10.33
CA ILE A 229 0.91 12.55 -9.72
C ILE A 229 -0.44 12.34 -10.45
N LYS A 230 -1.02 13.42 -10.96
CA LYS A 230 -2.29 13.32 -11.69
C LYS A 230 -2.12 12.42 -12.91
N ASN A 231 -1.07 12.68 -13.68
CA ASN A 231 -0.86 11.95 -14.91
C ASN A 231 -0.47 10.50 -14.62
N LEU A 232 0.34 10.30 -13.59
CA LEU A 232 0.74 8.96 -13.17
C LEU A 232 -0.43 8.11 -12.64
N VAL A 233 -1.33 8.73 -11.90
CA VAL A 233 -2.54 8.05 -11.46
C VAL A 233 -3.42 7.71 -12.64
N LYS A 234 -3.59 8.66 -13.56
CA LYS A 234 -4.39 8.44 -14.77
C LYS A 234 -3.82 7.26 -15.57
N LYS A 235 -2.52 7.30 -15.82
CA LYS A 235 -1.82 6.23 -16.52
C LYS A 235 -2.07 4.88 -15.84
N HIS A 236 -1.75 4.80 -14.55
CA HIS A 236 -1.76 3.53 -13.84
C HIS A 236 -3.10 3.08 -13.26
N SER A 237 -4.20 3.65 -13.73
CA SER A 237 -5.49 3.27 -13.21
C SER A 237 -6.57 3.24 -14.29
N GLU A 238 -6.15 3.07 -15.54
CA GLU A 238 -7.05 3.16 -16.70
C GLU A 238 -8.14 2.09 -16.66
N PHE A 239 -7.81 0.89 -16.19
CA PHE A 239 -8.77 -0.22 -16.19
C PHE A 239 -9.44 -0.47 -14.83
N ILE A 240 -9.06 0.33 -13.84
CA ILE A 240 -9.66 0.25 -12.50
C ILE A 240 -11.13 0.65 -12.56
N GLN A 241 -12.02 -0.17 -11.98
CA GLN A 241 -13.46 0.06 -12.12
C GLN A 241 -13.99 0.99 -11.03
N TYR A 242 -13.14 1.29 -10.05
CA TYR A 242 -13.57 2.12 -8.93
C TYR A 242 -13.18 3.57 -9.13
N PRO A 243 -14.01 4.50 -8.59
CA PRO A 243 -13.66 5.93 -8.61
C PRO A 243 -12.37 6.17 -7.85
N ILE A 244 -11.57 7.13 -8.32
CA ILE A 244 -10.30 7.48 -7.70
C ILE A 244 -10.21 8.98 -7.58
N SER A 245 -10.14 9.48 -6.35
CA SER A 245 -10.06 10.92 -6.14
C SER A 245 -8.63 11.35 -5.83
N LEU A 246 -8.20 12.42 -6.48
CA LEU A 246 -6.90 12.99 -6.17
C LEU A 246 -7.09 14.31 -5.42
N LEU A 247 -6.51 14.39 -4.22
CA LEU A 247 -6.57 15.61 -3.44
C LEU A 247 -5.39 16.55 -3.73
N THR A 248 -5.67 17.84 -3.79
CA THR A 248 -4.61 18.83 -3.93
C THR A 248 -4.71 19.85 -2.80
N ILE A 249 -3.62 19.99 -2.05
CA ILE A 249 -3.57 20.95 -0.95
C ILE A 249 -2.70 22.13 -1.37
N LYS A 250 -3.33 23.29 -1.52
CA LYS A 250 -2.58 24.51 -1.79
C LYS A 250 -2.60 25.38 -0.54
N GLU A 251 -1.48 26.06 -0.30
CA GLU A 251 -1.33 26.94 0.87
C GLU A 251 -0.77 28.28 0.41
N LYS A 252 -1.48 29.37 0.71
CA LYS A 252 -1.00 30.70 0.37
C LYS A 252 -1.09 31.65 1.55
N GLU A 253 -0.03 32.45 1.76
CA GLU A 253 -0.06 33.52 2.75
C GLU A 253 -0.96 34.66 2.24
N VAL A 254 -1.77 35.22 3.14
CA VAL A 254 -2.69 36.31 2.79
C VAL A 254 -1.96 37.66 2.81
N ASP A 255 -2.17 38.48 1.78
CA ASP A 255 -1.40 39.71 1.60
C ASP A 255 -2.12 40.76 0.74
C1 PEG B . -2.66 -7.54 0.24
O1 PEG B . -3.89 -7.73 0.97
C2 PEG B . -1.71 -6.61 1.00
O2 PEG B . -2.13 -5.24 0.90
C3 PEG B . -1.17 -4.35 1.46
C4 PEG B . -1.64 -2.92 1.26
O4 PEG B . -1.54 -2.54 -0.13
C TAM C . 3.59 21.15 -10.99
C1 TAM C . 3.47 19.63 -10.95
C2 TAM C . 3.42 21.75 -9.61
C3 TAM C . 4.98 21.54 -11.47
C4 TAM C . 4.33 18.96 -12.03
C5 TAM C . 2.19 21.25 -8.87
C6 TAM C . 5.00 22.29 -12.81
N TAM C . 2.52 21.67 -11.85
O4 TAM C . 5.07 17.86 -11.47
O5 TAM C . 2.53 21.11 -7.48
O6 TAM C . 5.89 21.58 -13.69
#